data_3D0W
#
_entry.id   3D0W
#
_cell.length_a   49.300
_cell.length_b   45.180
_cell.length_c   99.177
_cell.angle_alpha   90.00
_cell.angle_beta   98.27
_cell.angle_gamma   90.00
#
_symmetry.space_group_name_H-M   'P 1 21 1'
#
loop_
_entity.id
_entity.type
_entity.pdbx_description
1 polymer 'YflH protein'
2 water water
#
_entity_poly.entity_id   1
_entity_poly.type   'polypeptide(L)'
_entity_poly.pdbx_seq_one_letter_code
;(MSE)NRDQEKIQIENE(MSE)NA(MSE)HGTIKEDILKDFEEFKGYLKKQVNRGKKLGLDDGKLVKSAAILGDYLAKHE
EPQNGEE(MSE)LLQELWSVADEDEKEHLAQLLVKLVDKQ
;
_entity_poly.pdbx_strand_id   A,B,C,D
#
# COMPACT_ATOMS: atom_id res chain seq x y z
N GLY A 19 -13.01 0.12 3.75
CA GLY A 19 -12.40 1.23 4.52
C GLY A 19 -10.90 1.09 4.66
N THR A 20 -10.45 -0.07 5.16
CA THR A 20 -9.03 -0.33 5.34
C THR A 20 -8.29 -0.40 4.00
N ILE A 21 -8.94 -0.97 2.98
CA ILE A 21 -8.32 -1.10 1.66
C ILE A 21 -8.10 0.27 1.01
N LYS A 22 -6.86 0.57 0.67
CA LYS A 22 -6.55 1.85 0.05
C LYS A 22 -7.24 1.98 -1.29
N GLU A 23 -7.83 3.15 -1.52
CA GLU A 23 -8.58 3.43 -2.74
C GLU A 23 -7.90 3.01 -4.04
N ASP A 24 -6.59 3.18 -4.15
CA ASP A 24 -5.90 2.81 -5.37
C ASP A 24 -5.87 1.28 -5.59
N ILE A 25 -5.76 0.51 -4.51
CA ILE A 25 -5.74 -0.94 -4.64
C ILE A 25 -7.08 -1.42 -5.17
N LEU A 26 -8.15 -0.76 -4.72
CA LEU A 26 -9.51 -1.07 -5.15
C LEU A 26 -9.70 -0.69 -6.60
N LYS A 27 -9.33 0.54 -6.93
CA LYS A 27 -9.48 1.05 -8.28
C LYS A 27 -8.74 0.16 -9.27
N ASP A 28 -7.51 -0.21 -8.93
CA ASP A 28 -6.73 -1.09 -9.80
C ASP A 28 -7.47 -2.40 -10.01
N PHE A 29 -8.08 -2.92 -8.96
CA PHE A 29 -8.83 -4.17 -9.10
C PHE A 29 -10.05 -3.94 -9.97
N GLU A 30 -10.75 -2.84 -9.74
CA GLU A 30 -11.94 -2.51 -10.52
C GLU A 30 -11.60 -2.44 -12.00
N GLU A 31 -10.45 -1.86 -12.32
CA GLU A 31 -10.02 -1.75 -13.70
C GLU A 31 -9.68 -3.13 -14.25
N PHE A 32 -8.98 -3.91 -13.43
CA PHE A 32 -8.58 -5.27 -13.82
C PHE A 32 -9.84 -6.06 -14.15
N LYS A 33 -10.81 -6.03 -13.24
CA LYS A 33 -12.07 -6.72 -13.41
C LYS A 33 -12.75 -6.24 -14.70
N GLY A 34 -12.71 -4.94 -14.96
CA GLY A 34 -13.31 -4.39 -16.16
C GLY A 34 -12.64 -4.87 -17.44
N TYR A 35 -11.34 -5.09 -17.37
CA TYR A 35 -10.58 -5.57 -18.51
C TYR A 35 -10.98 -7.01 -18.84
N LEU A 36 -11.21 -7.82 -17.80
CA LEU A 36 -11.62 -9.21 -18.02
C LEU A 36 -13.03 -9.21 -18.60
N LYS A 37 -13.89 -8.37 -18.04
CA LYS A 37 -15.26 -8.26 -18.53
C LYS A 37 -15.21 -7.85 -20.01
N LYS A 38 -14.22 -7.05 -20.39
CA LYS A 38 -14.07 -6.61 -21.78
C LYS A 38 -13.74 -7.80 -22.66
N GLN A 39 -12.82 -8.64 -22.17
CA GLN A 39 -12.40 -9.84 -22.89
C GLN A 39 -13.61 -10.72 -23.17
N VAL A 40 -14.41 -10.94 -22.12
CA VAL A 40 -15.60 -11.79 -22.22
C VAL A 40 -16.64 -11.26 -23.21
N ASN A 41 -17.04 -10.02 -23.03
CA ASN A 41 -18.04 -9.41 -23.91
C ASN A 41 -17.64 -9.51 -25.37
N ARG A 42 -16.40 -9.11 -25.69
CA ARG A 42 -15.94 -9.18 -27.06
C ARG A 42 -15.94 -10.63 -27.53
N GLY A 43 -15.48 -11.53 -26.67
CA GLY A 43 -15.44 -12.94 -27.02
C GLY A 43 -16.83 -13.47 -27.34
N LYS A 44 -17.78 -13.14 -26.48
CA LYS A 44 -19.15 -13.59 -26.69
C LYS A 44 -19.73 -12.98 -27.95
N LYS A 45 -19.37 -11.71 -28.21
CA LYS A 45 -19.85 -10.99 -29.40
C LYS A 45 -19.38 -11.67 -30.68
N LEU A 46 -18.12 -12.08 -30.71
CA LEU A 46 -17.57 -12.74 -31.89
C LEU A 46 -18.24 -14.08 -32.16
N GLY A 47 -18.53 -14.82 -31.10
CA GLY A 47 -19.19 -16.10 -31.26
C GLY A 47 -20.63 -15.93 -31.71
N LEU A 48 -21.32 -14.98 -31.09
CA LEU A 48 -22.72 -14.72 -31.42
C LEU A 48 -22.85 -14.40 -32.91
N ASP A 49 -21.98 -13.55 -33.42
CA ASP A 49 -22.02 -13.20 -34.83
C ASP A 49 -21.88 -14.42 -35.72
N ASP A 50 -21.34 -15.50 -35.17
CA ASP A 50 -21.19 -16.73 -35.94
C ASP A 50 -22.18 -17.80 -35.50
N GLY A 51 -23.28 -17.35 -34.88
CA GLY A 51 -24.30 -18.28 -34.43
C GLY A 51 -23.81 -19.32 -33.46
N LYS A 52 -22.88 -18.92 -32.59
CA LYS A 52 -22.33 -19.85 -31.60
C LYS A 52 -22.33 -19.24 -30.22
N LEU A 53 -22.54 -20.10 -29.21
CA LEU A 53 -22.53 -19.68 -27.83
C LEU A 53 -21.15 -20.03 -27.28
N VAL A 54 -20.46 -19.02 -26.77
CA VAL A 54 -19.14 -19.21 -26.20
C VAL A 54 -19.17 -19.00 -24.70
N LYS A 55 -18.57 -19.92 -23.96
CA LYS A 55 -18.53 -19.83 -22.51
C LYS A 55 -17.49 -18.83 -22.03
N SER A 56 -17.82 -18.11 -20.97
CA SER A 56 -16.91 -17.13 -20.40
C SER A 56 -15.61 -17.77 -19.94
N ALA A 57 -15.70 -18.98 -19.37
CA ALA A 57 -14.51 -19.68 -18.88
C ALA A 57 -13.57 -20.03 -20.03
N ALA A 58 -14.13 -20.34 -21.19
CA ALA A 58 -13.31 -20.68 -22.35
C ALA A 58 -12.56 -19.43 -22.81
N ILE A 59 -13.26 -18.30 -22.83
CA ILE A 59 -12.66 -17.04 -23.24
C ILE A 59 -11.56 -16.60 -22.28
N LEU A 60 -11.81 -16.67 -20.98
CA LEU A 60 -10.80 -16.28 -20.00
C LEU A 60 -9.62 -17.24 -20.05
N GLY A 61 -9.89 -18.51 -20.34
CA GLY A 61 -8.81 -19.49 -20.44
C GLY A 61 -7.90 -19.15 -21.61
N ASP A 62 -8.50 -18.84 -22.76
CA ASP A 62 -7.73 -18.46 -23.93
C ASP A 62 -6.92 -17.21 -23.61
N TYR A 63 -7.51 -16.30 -22.85
CA TYR A 63 -6.84 -15.06 -22.45
C TYR A 63 -5.56 -15.37 -21.66
N LEU A 64 -5.69 -16.20 -20.63
CA LEU A 64 -4.54 -16.56 -19.82
C LEU A 64 -3.53 -17.36 -20.65
N ALA A 65 -4.02 -18.12 -21.63
CA ALA A 65 -3.14 -18.92 -22.48
C ALA A 65 -2.23 -18.04 -23.36
N LYS A 66 -2.57 -16.77 -23.49
CA LYS A 66 -1.79 -15.84 -24.30
C LYS A 66 -0.48 -15.46 -23.62
N HIS A 67 -0.44 -15.60 -22.30
CA HIS A 67 0.73 -15.24 -21.53
C HIS A 67 1.12 -13.78 -21.75
N GLU A 68 0.13 -12.90 -21.69
CA GLU A 68 0.38 -11.47 -21.85
C GLU A 68 1.19 -10.95 -20.67
N GLU A 69 2.05 -9.96 -20.94
CA GLU A 69 2.88 -9.38 -19.88
C GLU A 69 2.02 -8.77 -18.79
N PRO A 70 2.20 -9.20 -17.53
CA PRO A 70 1.42 -8.66 -16.42
C PRO A 70 1.64 -7.16 -16.21
N GLN A 71 0.55 -6.42 -16.03
CA GLN A 71 0.63 -4.98 -15.85
C GLN A 71 0.31 -4.55 -14.42
N ASN A 72 -0.05 -5.54 -13.59
CA ASN A 72 -0.37 -5.28 -12.20
C ASN A 72 -0.32 -6.56 -11.38
N GLY A 73 -0.39 -6.43 -10.06
CA GLY A 73 -0.33 -7.57 -9.17
C GLY A 73 -1.38 -8.64 -9.46
N GLU A 74 -2.56 -8.21 -9.88
CA GLU A 74 -3.64 -9.14 -10.21
C GLU A 74 -3.18 -10.07 -11.33
N GLU A 75 -2.70 -9.48 -12.40
CA GLU A 75 -2.26 -10.24 -13.57
C GLU A 75 -1.04 -11.10 -13.29
N MSE A 76 -0.15 -10.60 -12.44
CA MSE A 76 1.05 -11.33 -12.09
C MSE A 76 0.65 -12.60 -11.33
O MSE A 76 1.14 -13.69 -11.65
CB MSE A 76 1.95 -10.47 -11.21
CG MSE A 76 3.24 -11.16 -10.84
SE MSE A 76 4.32 -11.52 -12.40
CE MSE A 76 5.91 -10.61 -11.79
N LEU A 77 -0.22 -12.47 -10.34
CA LEU A 77 -0.65 -13.65 -9.59
C LEU A 77 -1.36 -14.65 -10.51
N LEU A 78 -2.26 -14.16 -11.38
CA LEU A 78 -2.96 -15.05 -12.28
C LEU A 78 -2.05 -15.86 -13.17
N GLN A 79 -1.06 -15.20 -13.76
CA GLN A 79 -0.14 -15.89 -14.65
C GLN A 79 0.71 -16.91 -13.90
N GLU A 80 1.14 -16.57 -12.69
CA GLU A 80 1.94 -17.48 -11.88
C GLU A 80 1.11 -18.70 -11.47
N LEU A 81 -0.16 -18.50 -11.16
CA LEU A 81 -1.05 -19.59 -10.80
C LEU A 81 -1.25 -20.49 -12.01
N TRP A 82 -1.45 -19.86 -13.17
CA TRP A 82 -1.67 -20.58 -14.41
C TRP A 82 -0.47 -21.45 -14.77
N SER A 83 0.72 -20.94 -14.49
CA SER A 83 1.95 -21.65 -14.83
C SER A 83 2.17 -22.93 -14.02
N VAL A 84 1.52 -23.07 -12.87
CA VAL A 84 1.70 -24.27 -12.06
C VAL A 84 0.46 -25.15 -12.03
N ALA A 85 -0.56 -24.75 -12.79
CA ALA A 85 -1.83 -25.50 -12.82
C ALA A 85 -1.88 -26.65 -13.82
N ASP A 86 -2.50 -27.76 -13.43
CA ASP A 86 -2.66 -28.87 -14.36
C ASP A 86 -3.94 -28.58 -15.13
N GLU A 87 -4.29 -29.42 -16.10
CA GLU A 87 -5.47 -29.17 -16.92
C GLU A 87 -6.78 -28.94 -16.18
N ASP A 88 -7.03 -29.72 -15.14
CA ASP A 88 -8.25 -29.56 -14.36
C ASP A 88 -8.22 -28.24 -13.58
N GLU A 89 -7.08 -27.93 -12.98
CA GLU A 89 -6.95 -26.71 -12.19
C GLU A 89 -7.12 -25.46 -13.05
N LYS A 90 -6.72 -25.54 -14.31
CA LYS A 90 -6.86 -24.42 -15.23
C LYS A 90 -8.33 -24.17 -15.53
N GLU A 91 -9.08 -25.25 -15.76
CA GLU A 91 -10.51 -25.13 -16.04
C GLU A 91 -11.23 -24.56 -14.83
N HIS A 92 -10.88 -25.06 -13.63
CA HIS A 92 -11.51 -24.57 -12.41
C HIS A 92 -11.16 -23.13 -12.06
N LEU A 93 -9.91 -22.73 -12.29
CA LEU A 93 -9.51 -21.36 -11.99
C LEU A 93 -10.22 -20.38 -12.94
N ALA A 94 -10.41 -20.81 -14.19
CA ALA A 94 -11.09 -19.98 -15.18
C ALA A 94 -12.56 -19.82 -14.75
N GLN A 95 -13.13 -20.90 -14.22
CA GLN A 95 -14.52 -20.88 -13.76
C GLN A 95 -14.66 -19.92 -12.58
N LEU A 96 -13.71 -19.96 -11.65
CA LEU A 96 -13.75 -19.10 -10.49
C LEU A 96 -13.59 -17.64 -10.90
N LEU A 97 -12.73 -17.39 -11.88
CA LEU A 97 -12.50 -16.06 -12.39
C LEU A 97 -13.77 -15.49 -13.03
N VAL A 98 -14.58 -16.34 -13.65
CA VAL A 98 -15.81 -15.87 -14.27
C VAL A 98 -16.76 -15.39 -13.16
N LYS A 99 -16.79 -16.13 -12.05
CA LYS A 99 -17.63 -15.76 -10.91
C LYS A 99 -17.14 -14.44 -10.33
N LEU A 100 -15.82 -14.24 -10.33
CA LEU A 100 -15.24 -13.02 -9.81
C LEU A 100 -15.62 -11.84 -10.71
N VAL A 101 -15.54 -12.05 -12.02
CA VAL A 101 -15.90 -10.99 -12.96
C VAL A 101 -17.37 -10.58 -12.82
N ASP A 102 -18.25 -11.58 -12.71
CA ASP A 102 -19.68 -11.34 -12.57
C ASP A 102 -20.15 -11.06 -11.13
N LYS A 103 -19.24 -10.59 -10.28
CA LYS A 103 -19.58 -10.31 -8.89
C LYS A 103 -20.27 -8.96 -8.73
N GLN A 104 -21.13 -8.88 -7.72
CA GLN A 104 -21.89 -7.68 -7.37
C GLN A 104 -22.49 -6.92 -8.56
N GLY B 19 20.70 6.35 18.17
CA GLY B 19 21.56 5.47 17.33
C GLY B 19 20.76 4.62 16.36
N THR B 20 19.85 3.80 16.90
CA THR B 20 19.02 2.94 16.08
C THR B 20 17.54 3.26 16.25
N ILE B 21 16.71 2.67 15.38
CA ILE B 21 15.27 2.87 15.41
C ILE B 21 14.60 1.51 15.48
N LYS B 22 13.50 1.43 16.24
CA LYS B 22 12.77 0.17 16.39
C LYS B 22 12.41 -0.47 15.06
N GLU B 23 12.27 -1.80 15.08
CA GLU B 23 11.94 -2.58 13.90
C GLU B 23 10.58 -2.23 13.31
N ASP B 24 9.57 -2.12 14.18
CA ASP B 24 8.23 -1.79 13.72
C ASP B 24 8.12 -0.38 13.17
N ILE B 25 8.99 0.51 13.64
CA ILE B 25 8.99 1.90 13.19
C ILE B 25 9.55 1.95 11.76
N LEU B 26 10.68 1.29 11.55
CA LEU B 26 11.31 1.26 10.24
C LEU B 26 10.38 0.57 9.23
N LYS B 27 9.85 -0.58 9.61
CA LYS B 27 8.95 -1.33 8.74
C LYS B 27 7.78 -0.48 8.28
N ASP B 28 7.13 0.18 9.24
CA ASP B 28 5.99 1.05 8.92
C ASP B 28 6.39 2.19 7.98
N PHE B 29 7.56 2.78 8.22
CA PHE B 29 8.01 3.86 7.36
C PHE B 29 8.26 3.36 5.94
N GLU B 30 8.88 2.20 5.82
CA GLU B 30 9.16 1.62 4.51
C GLU B 30 7.88 1.39 3.74
N GLU B 31 6.89 0.82 4.40
CA GLU B 31 5.60 0.57 3.76
C GLU B 31 5.04 1.90 3.28
N PHE B 32 5.11 2.91 4.15
CA PHE B 32 4.63 4.24 3.84
C PHE B 32 5.32 4.79 2.60
N LYS B 33 6.65 4.76 2.62
CA LYS B 33 7.43 5.26 1.49
C LYS B 33 7.12 4.49 0.22
N GLY B 34 6.99 3.17 0.33
CA GLY B 34 6.70 2.35 -0.83
C GLY B 34 5.37 2.67 -1.47
N TYR B 35 4.35 2.91 -0.64
CA TYR B 35 3.02 3.23 -1.15
C TYR B 35 2.99 4.57 -1.88
N LEU B 36 3.84 5.50 -1.45
CA LEU B 36 3.88 6.82 -2.09
C LEU B 36 4.54 6.71 -3.47
N LYS B 37 5.61 5.94 -3.55
CA LYS B 37 6.33 5.74 -4.80
C LYS B 37 5.43 5.09 -5.85
N LYS B 38 4.55 4.20 -5.41
CA LYS B 38 3.63 3.55 -6.33
C LYS B 38 2.62 4.57 -6.82
N GLN B 39 2.31 5.55 -5.97
CA GLN B 39 1.35 6.61 -6.34
C GLN B 39 1.99 7.46 -7.42
N VAL B 40 3.29 7.73 -7.29
CA VAL B 40 3.99 8.53 -8.28
C VAL B 40 4.05 7.74 -9.58
N ASN B 41 4.32 6.44 -9.46
CA ASN B 41 4.38 5.56 -10.62
C ASN B 41 3.07 5.69 -11.40
N ARG B 42 1.95 5.50 -10.69
CA ARG B 42 0.62 5.59 -11.28
C ARG B 42 0.43 6.86 -12.10
N GLY B 43 0.67 8.01 -11.46
CA GLY B 43 0.50 9.28 -12.13
C GLY B 43 1.42 9.50 -13.32
N LYS B 44 2.67 9.05 -13.19
CA LYS B 44 3.65 9.20 -14.28
C LYS B 44 3.24 8.49 -15.56
N LYS B 45 2.75 7.26 -15.42
CA LYS B 45 2.32 6.48 -16.59
C LYS B 45 1.11 7.13 -17.24
N LEU B 46 0.12 7.49 -16.44
CA LEU B 46 -1.09 8.13 -16.94
C LEU B 46 -0.68 9.30 -17.82
N GLY B 47 0.19 10.16 -17.29
CA GLY B 47 0.66 11.29 -18.05
C GLY B 47 1.35 10.82 -19.31
N LEU B 48 2.14 9.75 -19.17
CA LEU B 48 2.87 9.17 -20.29
C LEU B 48 1.94 8.72 -21.42
N ASP B 49 0.86 8.03 -21.06
CA ASP B 49 -0.09 7.57 -22.06
C ASP B 49 -0.80 8.72 -22.77
N ASP B 50 -1.07 9.79 -22.04
CA ASP B 50 -1.73 10.96 -22.62
C ASP B 50 -0.72 11.87 -23.32
N GLY B 51 0.52 11.41 -23.39
CA GLY B 51 1.56 12.20 -24.03
C GLY B 51 1.82 13.49 -23.28
N LYS B 52 1.82 13.42 -21.96
CA LYS B 52 2.06 14.59 -21.13
C LYS B 52 3.03 14.32 -19.99
N LEU B 53 3.78 15.35 -19.61
CA LEU B 53 4.72 15.23 -18.51
C LEU B 53 4.00 15.68 -17.25
N VAL B 54 4.10 14.89 -16.19
CA VAL B 54 3.45 15.24 -14.93
C VAL B 54 4.42 15.13 -13.75
N LYS B 55 4.60 16.23 -13.04
CA LYS B 55 5.52 16.26 -11.90
C LYS B 55 5.07 15.44 -10.70
N SER B 56 6.02 14.80 -10.07
CA SER B 56 5.77 13.96 -8.90
C SER B 56 5.08 14.71 -7.77
N ALA B 57 5.40 16.00 -7.64
CA ALA B 57 4.82 16.84 -6.60
C ALA B 57 3.33 17.07 -6.83
N ALA B 58 2.94 17.19 -8.09
CA ALA B 58 1.53 17.40 -8.43
C ALA B 58 0.77 16.12 -8.11
N ILE B 59 1.39 14.99 -8.45
CA ILE B 59 0.79 13.68 -8.20
C ILE B 59 0.56 13.48 -6.71
N LEU B 60 1.60 13.61 -5.90
CA LEU B 60 1.46 13.43 -4.46
C LEU B 60 0.50 14.48 -3.88
N GLY B 61 0.43 15.63 -4.55
CA GLY B 61 -0.46 16.69 -4.11
C GLY B 61 -1.90 16.23 -4.32
N ASP B 62 -2.19 15.70 -5.51
CA ASP B 62 -3.54 15.23 -5.80
C ASP B 62 -3.90 14.11 -4.83
N TYR B 63 -2.92 13.28 -4.52
CA TYR B 63 -3.11 12.16 -3.61
C TYR B 63 -3.55 12.64 -2.21
N LEU B 64 -2.81 13.57 -1.64
CA LEU B 64 -3.12 14.10 -0.32
C LEU B 64 -4.48 14.81 -0.31
N ALA B 65 -4.87 15.36 -1.45
CA ALA B 65 -6.13 16.07 -1.56
C ALA B 65 -7.33 15.11 -1.51
N LYS B 66 -7.05 13.82 -1.42
CA LYS B 66 -8.12 12.82 -1.35
C LYS B 66 -8.55 12.52 0.08
N HIS B 67 -7.76 13.00 1.05
CA HIS B 67 -8.06 12.81 2.46
C HIS B 67 -8.38 11.35 2.82
N GLU B 68 -7.56 10.41 2.36
CA GLU B 68 -7.79 9.01 2.67
C GLU B 68 -7.50 8.74 4.15
N GLU B 69 -8.19 7.77 4.72
CA GLU B 69 -8.03 7.40 6.12
C GLU B 69 -6.59 6.98 6.43
N PRO B 70 -5.93 7.66 7.38
CA PRO B 70 -4.55 7.31 7.74
C PRO B 70 -4.45 5.92 8.39
N GLN B 71 -3.44 5.17 7.98
CA GLN B 71 -3.22 3.81 8.48
C GLN B 71 -2.01 3.71 9.41
N ASN B 72 -1.37 4.84 9.65
CA ASN B 72 -0.19 4.86 10.51
C ASN B 72 0.16 6.30 10.88
N GLY B 73 1.08 6.45 11.83
CA GLY B 73 1.49 7.77 12.27
C GLY B 73 1.99 8.64 11.13
N GLU B 74 2.64 8.04 10.14
CA GLU B 74 3.13 8.82 9.01
C GLU B 74 1.97 9.52 8.30
N GLU B 75 0.99 8.74 7.88
CA GLU B 75 -0.15 9.30 7.16
C GLU B 75 -0.94 10.29 8.02
N MSE B 76 -1.01 10.02 9.31
CA MSE B 76 -1.73 10.92 10.21
C MSE B 76 -1.06 12.29 10.23
O MSE B 76 -1.74 13.30 10.09
CB MSE B 76 -1.76 10.33 11.63
CG MSE B 76 -2.54 11.20 12.62
SE MSE B 76 -4.40 11.41 12.11
CE MSE B 76 -5.18 10.17 13.36
N LEU B 77 0.26 12.31 10.41
CA LEU B 77 0.98 13.58 10.45
C LEU B 77 0.84 14.35 9.14
N LEU B 78 1.00 13.65 8.01
CA LEU B 78 0.89 14.30 6.70
C LEU B 78 -0.48 14.93 6.52
N GLN B 79 -1.53 14.19 6.89
CA GLN B 79 -2.89 14.70 6.76
C GLN B 79 -3.05 15.95 7.61
N GLU B 80 -2.52 15.91 8.83
CA GLU B 80 -2.63 17.05 9.72
C GLU B 80 -1.84 18.25 9.21
N LEU B 81 -0.65 18.01 8.67
CA LEU B 81 0.16 19.11 8.13
C LEU B 81 -0.56 19.69 6.92
N TRP B 82 -1.07 18.82 6.06
CA TRP B 82 -1.76 19.26 4.86
C TRP B 82 -2.95 20.16 5.20
N SER B 83 -3.64 19.87 6.30
CA SER B 83 -4.82 20.64 6.71
C SER B 83 -4.55 22.05 7.28
N VAL B 84 -3.31 22.37 7.59
CA VAL B 84 -3.00 23.71 8.11
C VAL B 84 -2.09 24.46 7.15
N ALA B 85 -1.83 23.85 6.01
CA ALA B 85 -0.95 24.44 5.01
C ALA B 85 -1.68 25.33 4.03
N ASP B 86 -1.05 26.45 3.66
CA ASP B 86 -1.65 27.31 2.66
C ASP B 86 -1.20 26.76 1.31
N GLU B 87 -1.64 27.37 0.22
CA GLU B 87 -1.31 26.91 -1.12
C GLU B 87 0.20 26.72 -1.39
N ASP B 88 1.01 27.71 -1.03
CA ASP B 88 2.45 27.61 -1.24
C ASP B 88 3.09 26.53 -0.39
N GLU B 89 2.65 26.45 0.87
CA GLU B 89 3.19 25.45 1.78
C GLU B 89 2.86 24.04 1.27
N LYS B 90 1.69 23.88 0.66
CA LYS B 90 1.29 22.60 0.13
C LYS B 90 2.24 22.19 -1.01
N GLU B 91 2.56 23.11 -1.89
CA GLU B 91 3.46 22.83 -3.01
C GLU B 91 4.83 22.40 -2.49
N HIS B 92 5.37 23.17 -1.55
CA HIS B 92 6.68 22.87 -0.96
C HIS B 92 6.69 21.57 -0.17
N LEU B 93 5.61 21.30 0.57
CA LEU B 93 5.57 20.06 1.34
C LEU B 93 5.55 18.88 0.36
N ALA B 94 4.81 19.05 -0.75
CA ALA B 94 4.73 17.99 -1.76
C ALA B 94 6.11 17.75 -2.37
N GLN B 95 6.83 18.82 -2.67
CA GLN B 95 8.16 18.70 -3.26
C GLN B 95 9.11 18.00 -2.29
N LEU B 96 9.06 18.39 -1.03
CA LEU B 96 9.91 17.79 -0.01
C LEU B 96 9.61 16.30 0.12
N LEU B 97 8.35 15.95 -0.04
CA LEU B 97 7.89 14.57 0.05
C LEU B 97 8.47 13.75 -1.10
N VAL B 98 8.54 14.34 -2.28
CA VAL B 98 9.08 13.66 -3.44
C VAL B 98 10.55 13.31 -3.19
N LYS B 99 11.26 14.20 -2.49
CA LYS B 99 12.66 13.98 -2.18
C LYS B 99 12.78 12.85 -1.16
N LEU B 100 11.82 12.76 -0.25
CA LEU B 100 11.84 11.70 0.74
C LEU B 100 11.61 10.38 0.01
N VAL B 101 10.55 10.33 -0.79
CA VAL B 101 10.24 9.12 -1.54
C VAL B 101 11.46 8.64 -2.33
N ASP B 102 12.06 9.56 -3.09
CA ASP B 102 13.22 9.25 -3.91
C ASP B 102 14.57 9.22 -3.18
N LYS B 103 14.55 8.87 -1.90
CA LYS B 103 15.78 8.81 -1.12
C LYS B 103 16.25 7.35 -1.06
N GLN B 104 17.56 7.13 -1.17
CA GLN B 104 18.15 5.79 -1.12
C GLN B 104 17.94 5.11 0.22
N ILE C 21 9.19 -7.41 -17.81
CA ILE C 21 8.22 -7.16 -16.70
C ILE C 21 8.78 -6.14 -15.72
N LYS C 22 8.09 -5.02 -15.58
CA LYS C 22 8.51 -3.94 -14.69
C LYS C 22 9.07 -4.45 -13.37
N GLU C 23 10.09 -3.75 -12.88
CA GLU C 23 10.77 -4.11 -11.64
C GLU C 23 9.85 -4.06 -10.42
N ASP C 24 8.97 -3.07 -10.39
CA ASP C 24 8.04 -2.90 -9.28
C ASP C 24 7.06 -4.08 -9.19
N ILE C 25 6.60 -4.56 -10.34
CA ILE C 25 5.66 -5.68 -10.37
C ILE C 25 6.34 -6.90 -9.76
N LEU C 26 7.52 -7.25 -10.28
CA LEU C 26 8.27 -8.39 -9.80
C LEU C 26 8.53 -8.35 -8.31
N LYS C 27 9.00 -7.19 -7.84
CA LYS C 27 9.30 -6.99 -6.42
C LYS C 27 8.10 -7.25 -5.53
N ASP C 28 6.94 -6.76 -5.93
CA ASP C 28 5.72 -6.96 -5.15
C ASP C 28 5.39 -8.45 -5.09
N PHE C 29 5.61 -9.16 -6.20
CA PHE C 29 5.33 -10.59 -6.24
C PHE C 29 6.29 -11.38 -5.37
N GLU C 30 7.58 -11.07 -5.46
CA GLU C 30 8.58 -11.78 -4.66
C GLU C 30 8.32 -11.57 -3.18
N GLU C 31 7.92 -10.36 -2.82
CA GLU C 31 7.61 -10.05 -1.42
C GLU C 31 6.36 -10.82 -0.99
N PHE C 32 5.38 -10.86 -1.88
CA PHE C 32 4.13 -11.57 -1.61
C PHE C 32 4.41 -13.05 -1.41
N LYS C 33 5.20 -13.62 -2.32
CA LYS C 33 5.55 -15.03 -2.25
C LYS C 33 6.41 -15.35 -1.03
N GLY C 34 7.29 -14.41 -0.66
CA GLY C 34 8.15 -14.61 0.50
C GLY C 34 7.30 -14.64 1.77
N TYR C 35 6.28 -13.78 1.80
CA TYR C 35 5.39 -13.69 2.95
C TYR C 35 4.63 -15.01 3.11
N LEU C 36 4.11 -15.54 2.01
CA LEU C 36 3.38 -16.80 2.07
C LEU C 36 4.31 -17.95 2.48
N LYS C 37 5.53 -17.94 1.96
CA LYS C 37 6.48 -19.00 2.30
C LYS C 37 6.81 -18.97 3.79
N LYS C 38 6.87 -17.77 4.36
CA LYS C 38 7.17 -17.63 5.78
C LYS C 38 5.97 -18.12 6.60
N GLN C 39 4.77 -17.89 6.08
CA GLN C 39 3.54 -18.35 6.74
C GLN C 39 3.56 -19.87 6.86
N VAL C 40 3.89 -20.53 5.75
CA VAL C 40 3.94 -21.99 5.69
C VAL C 40 4.98 -22.58 6.61
N ASN C 41 6.19 -22.02 6.60
CA ASN C 41 7.25 -22.52 7.47
C ASN C 41 6.88 -22.37 8.94
N ARG C 42 6.37 -21.20 9.29
CA ARG C 42 5.97 -20.93 10.67
C ARG C 42 4.90 -21.92 11.09
N GLY C 43 3.92 -22.15 10.22
CA GLY C 43 2.86 -23.08 10.52
C GLY C 43 3.34 -24.52 10.68
N LYS C 44 4.25 -24.94 9.81
CA LYS C 44 4.78 -26.30 9.87
C LYS C 44 5.65 -26.53 11.10
N LYS C 45 6.44 -25.51 11.46
CA LYS C 45 7.29 -25.60 12.64
C LYS C 45 6.45 -25.66 13.91
N LEU C 46 5.40 -24.83 13.98
CA LEU C 46 4.53 -24.85 15.14
C LEU C 46 3.86 -26.21 15.26
N GLY C 47 3.50 -26.78 14.12
CA GLY C 47 2.87 -28.09 14.11
C GLY C 47 3.86 -29.10 14.67
N LEU C 48 5.08 -29.02 14.17
CA LEU C 48 6.13 -29.92 14.61
C LEU C 48 6.36 -29.79 16.11
N ASP C 49 6.20 -28.57 16.65
CA ASP C 49 6.37 -28.35 18.08
C ASP C 49 5.33 -29.12 18.87
N ASP C 50 4.17 -29.34 18.26
CA ASP C 50 3.07 -30.05 18.90
C ASP C 50 2.96 -31.50 18.42
N GLY C 51 4.02 -32.01 17.82
CA GLY C 51 4.05 -33.39 17.35
C GLY C 51 3.10 -33.72 16.20
N LYS C 52 2.73 -32.70 15.42
CA LYS C 52 1.82 -32.92 14.31
C LYS C 52 2.36 -32.42 12.98
N LEU C 53 1.90 -33.06 11.91
CA LEU C 53 2.28 -32.68 10.56
C LEU C 53 1.14 -31.82 10.04
N VAL C 54 1.44 -30.58 9.69
CA VAL C 54 0.43 -29.66 9.18
C VAL C 54 0.66 -29.46 7.69
N LYS C 55 -0.41 -29.53 6.90
CA LYS C 55 -0.33 -29.35 5.45
C LYS C 55 -0.23 -27.88 5.03
N SER C 56 0.53 -27.62 3.96
CA SER C 56 0.70 -26.26 3.48
C SER C 56 -0.64 -25.65 3.10
N ALA C 57 -1.47 -26.42 2.39
CA ALA C 57 -2.77 -25.94 1.96
C ALA C 57 -3.65 -25.51 3.13
N ALA C 58 -3.54 -26.20 4.26
CA ALA C 58 -4.34 -25.85 5.44
C ALA C 58 -3.86 -24.50 5.99
N ILE C 59 -2.55 -24.30 6.04
CA ILE C 59 -1.98 -23.05 6.53
C ILE C 59 -2.37 -21.86 5.64
N LEU C 60 -2.24 -22.03 4.33
CA LEU C 60 -2.59 -20.97 3.40
C LEU C 60 -4.08 -20.71 3.43
N GLY C 61 -4.87 -21.77 3.58
CA GLY C 61 -6.30 -21.62 3.68
C GLY C 61 -6.66 -20.81 4.93
N ASP C 62 -6.02 -21.10 6.06
CA ASP C 62 -6.29 -20.36 7.29
C ASP C 62 -5.88 -18.89 7.16
N TYR C 63 -4.81 -18.65 6.39
CA TYR C 63 -4.34 -17.29 6.15
C TYR C 63 -5.40 -16.52 5.36
N LEU C 64 -5.92 -17.14 4.30
CA LEU C 64 -6.95 -16.47 3.50
C LEU C 64 -8.23 -16.26 4.31
N ALA C 65 -8.55 -17.19 5.19
CA ALA C 65 -9.77 -17.08 6.00
C ALA C 65 -9.70 -15.89 6.97
N LYS C 66 -8.49 -15.37 7.19
CA LYS C 66 -8.31 -14.26 8.11
C LYS C 66 -8.77 -12.91 7.52
N HIS C 67 -8.84 -12.84 6.20
CA HIS C 67 -9.26 -11.61 5.53
C HIS C 67 -8.40 -10.40 5.88
N GLU C 68 -7.09 -10.55 5.81
CA GLU C 68 -6.18 -9.44 6.10
C GLU C 68 -6.31 -8.39 5.00
N GLU C 69 -6.18 -7.12 5.37
CA GLU C 69 -6.27 -6.02 4.42
C GLU C 69 -5.29 -6.20 3.26
N PRO C 70 -5.81 -6.25 2.01
CA PRO C 70 -4.95 -6.42 0.84
C PRO C 70 -3.99 -5.22 0.71
N GLN C 71 -2.70 -5.52 0.54
CA GLN C 71 -1.66 -4.50 0.41
C GLN C 71 -1.14 -4.35 -1.01
N ASN C 72 -1.52 -5.28 -1.89
CA ASN C 72 -1.10 -5.26 -3.28
C ASN C 72 -2.13 -6.00 -4.13
N GLY C 73 -1.97 -5.93 -5.45
CA GLY C 73 -2.89 -6.59 -6.36
C GLY C 73 -2.98 -8.10 -6.17
N GLU C 74 -1.87 -8.72 -5.76
CA GLU C 74 -1.85 -10.16 -5.53
C GLU C 74 -2.85 -10.54 -4.42
N GLU C 75 -2.75 -9.86 -3.28
CA GLU C 75 -3.62 -10.13 -2.16
C GLU C 75 -5.06 -9.71 -2.44
N MSE C 76 -5.22 -8.65 -3.22
CA MSE C 76 -6.55 -8.18 -3.57
C MSE C 76 -7.23 -9.24 -4.43
O MSE C 76 -8.41 -9.58 -4.21
CB MSE C 76 -6.45 -6.86 -4.34
CG MSE C 76 -7.78 -6.19 -4.67
SE MSE C 76 -8.80 -5.76 -3.08
CE MSE C 76 -10.57 -5.92 -3.82
N LEU C 77 -6.51 -9.78 -5.40
CA LEU C 77 -7.09 -10.82 -6.25
C LEU C 77 -7.41 -12.07 -5.46
N LEU C 78 -6.48 -12.51 -4.62
CA LEU C 78 -6.72 -13.72 -3.81
C LEU C 78 -7.95 -13.58 -2.93
N GLN C 79 -8.09 -12.43 -2.26
CA GLN C 79 -9.24 -12.23 -1.38
C GLN C 79 -10.54 -12.19 -2.18
N GLU C 80 -10.51 -11.63 -3.39
CA GLU C 80 -11.72 -11.59 -4.20
C GLU C 80 -12.07 -13.00 -4.70
N LEU C 81 -11.05 -13.76 -5.11
CA LEU C 81 -11.31 -15.12 -5.58
C LEU C 81 -11.89 -15.95 -4.44
N TRP C 82 -11.31 -15.79 -3.25
CA TRP C 82 -11.76 -16.51 -2.07
C TRP C 82 -13.23 -16.20 -1.77
N SER C 83 -13.60 -14.92 -1.89
CA SER C 83 -14.99 -14.50 -1.61
C SER C 83 -16.07 -15.07 -2.53
N VAL C 84 -15.70 -15.59 -3.69
CA VAL C 84 -16.72 -16.17 -4.59
C VAL C 84 -16.58 -17.68 -4.75
N ALA C 85 -15.67 -18.28 -3.98
CA ALA C 85 -15.42 -19.71 -4.06
C ALA C 85 -16.24 -20.56 -3.10
N ASP C 86 -16.70 -21.71 -3.58
CA ASP C 86 -17.44 -22.61 -2.71
C ASP C 86 -16.41 -23.44 -1.93
N GLU C 87 -16.86 -24.32 -1.05
CA GLU C 87 -15.93 -25.11 -0.24
C GLU C 87 -14.88 -25.87 -1.03
N ASP C 88 -15.29 -26.59 -2.07
CA ASP C 88 -14.34 -27.34 -2.88
C ASP C 88 -13.37 -26.41 -3.59
N GLU C 89 -13.87 -25.29 -4.11
CA GLU C 89 -13.00 -24.36 -4.81
C GLU C 89 -11.98 -23.75 -3.86
N LYS C 90 -12.36 -23.58 -2.60
CA LYS C 90 -11.42 -23.02 -1.63
C LYS C 90 -10.25 -23.98 -1.42
N GLU C 91 -10.54 -25.27 -1.27
CA GLU C 91 -9.47 -26.23 -1.05
C GLU C 91 -8.54 -26.32 -2.26
N HIS C 92 -9.10 -26.28 -3.46
CA HIS C 92 -8.29 -26.36 -4.66
C HIS C 92 -7.47 -25.10 -4.90
N LEU C 93 -8.02 -23.93 -4.55
CA LEU C 93 -7.30 -22.69 -4.74
C LEU C 93 -6.10 -22.69 -3.77
N ALA C 94 -6.34 -23.12 -2.53
CA ALA C 94 -5.27 -23.17 -1.54
C ALA C 94 -4.17 -24.15 -2.01
N GLN C 95 -4.57 -25.28 -2.58
CA GLN C 95 -3.61 -26.27 -3.06
C GLN C 95 -2.81 -25.70 -4.23
N LEU C 96 -3.48 -25.01 -5.13
CA LEU C 96 -2.81 -24.40 -6.27
C LEU C 96 -1.82 -23.33 -5.79
N LEU C 97 -2.23 -22.57 -4.78
CA LEU C 97 -1.38 -21.52 -4.22
C LEU C 97 -0.11 -22.12 -3.60
N VAL C 98 -0.22 -23.31 -3.05
CA VAL C 98 0.94 -23.97 -2.45
C VAL C 98 1.98 -24.25 -3.54
N LYS C 99 1.52 -24.72 -4.68
CA LYS C 99 2.42 -25.01 -5.80
C LYS C 99 3.04 -23.72 -6.30
N LEU C 100 2.28 -22.63 -6.24
CA LEU C 100 2.83 -21.33 -6.66
C LEU C 100 3.94 -20.95 -5.69
N VAL C 101 3.67 -21.07 -4.40
CA VAL C 101 4.65 -20.75 -3.38
C VAL C 101 5.89 -21.64 -3.51
N ASP C 102 5.67 -22.89 -3.89
CA ASP C 102 6.69 -23.92 -3.76
C ASP C 102 7.62 -23.93 -4.96
N LYS C 103 7.31 -23.10 -5.95
CA LYS C 103 8.11 -23.02 -7.17
C LYS C 103 8.04 -21.63 -7.79
N GLN C 104 7.08 -21.43 -8.69
CA GLN C 104 6.89 -22.33 -9.82
C GLN C 104 7.24 -21.65 -11.14
N THR D 20 -14.01 6.02 9.91
CA THR D 20 -13.47 6.52 11.21
C THR D 20 -12.04 6.05 11.42
N ILE D 21 -11.22 6.90 12.03
CA ILE D 21 -9.82 6.58 12.29
C ILE D 21 -9.67 5.66 13.50
N LYS D 22 -8.64 4.83 13.47
CA LYS D 22 -8.37 3.90 14.56
C LYS D 22 -7.94 4.70 15.80
N GLU D 23 -8.69 4.54 16.88
CA GLU D 23 -8.42 5.25 18.13
C GLU D 23 -6.95 5.21 18.54
N ASP D 24 -6.25 4.13 18.23
CA ASP D 24 -4.84 4.01 18.58
C ASP D 24 -4.01 5.04 17.82
N ILE D 25 -4.34 5.25 16.55
CA ILE D 25 -3.64 6.22 15.72
C ILE D 25 -3.85 7.63 16.24
N LEU D 26 -5.09 7.93 16.63
CA LEU D 26 -5.44 9.25 17.14
C LEU D 26 -4.75 9.53 18.47
N LYS D 27 -4.78 8.56 19.37
CA LYS D 27 -4.16 8.72 20.68
C LYS D 27 -2.67 8.97 20.50
N ASP D 28 -2.10 8.34 19.49
CA ASP D 28 -0.67 8.48 19.18
C ASP D 28 -0.38 9.91 18.75
N PHE D 29 -1.17 10.42 17.81
CA PHE D 29 -1.00 11.77 17.30
C PHE D 29 -1.18 12.81 18.41
N GLU D 30 -2.18 12.62 19.25
CA GLU D 30 -2.46 13.55 20.35
C GLU D 30 -1.29 13.67 21.30
N GLU D 31 -0.66 12.55 21.62
CA GLU D 31 0.48 12.57 22.53
C GLU D 31 1.65 13.28 21.87
N PHE D 32 1.88 12.96 20.60
CA PHE D 32 2.95 13.56 19.81
C PHE D 32 2.78 15.08 19.79
N LYS D 33 1.55 15.50 19.54
CA LYS D 33 1.21 16.91 19.48
C LYS D 33 1.43 17.54 20.86
N GLY D 34 0.97 16.86 21.90
CA GLY D 34 1.14 17.36 23.25
C GLY D 34 2.60 17.50 23.63
N TYR D 35 3.42 16.57 23.14
CA TYR D 35 4.85 16.59 23.41
C TYR D 35 5.47 17.83 22.80
N LEU D 36 5.10 18.14 21.56
CA LEU D 36 5.63 19.31 20.90
C LEU D 36 5.19 20.61 21.58
N LYS D 37 3.92 20.69 21.97
CA LYS D 37 3.42 21.90 22.62
C LYS D 37 4.11 22.10 23.97
N LYS D 38 4.50 20.99 24.61
CA LYS D 38 5.19 21.04 25.89
C LYS D 38 6.57 21.66 25.68
N GLN D 39 7.20 21.31 24.57
CA GLN D 39 8.52 21.83 24.24
C GLN D 39 8.48 23.32 23.94
N VAL D 40 7.44 23.77 23.23
CA VAL D 40 7.33 25.18 22.90
C VAL D 40 7.13 26.02 24.17
N ASN D 41 6.20 25.59 25.02
CA ASN D 41 5.92 26.30 26.27
C ASN D 41 7.17 26.42 27.13
N ARG D 42 7.92 25.33 27.24
CA ARG D 42 9.15 25.33 28.03
C ARG D 42 10.19 26.25 27.42
N GLY D 43 10.40 26.14 26.12
CA GLY D 43 11.37 26.99 25.45
C GLY D 43 11.04 28.46 25.60
N LYS D 44 9.76 28.81 25.48
CA LYS D 44 9.36 30.19 25.60
C LYS D 44 9.54 30.71 27.03
N LYS D 45 9.23 29.86 28.01
CA LYS D 45 9.39 30.26 29.41
C LYS D 45 10.86 30.54 29.74
N LEU D 46 11.74 29.63 29.33
CA LEU D 46 13.17 29.82 29.58
C LEU D 46 13.63 31.13 28.95
N GLY D 47 13.15 31.41 27.74
CA GLY D 47 13.52 32.65 27.08
C GLY D 47 13.03 33.82 27.90
N LEU D 48 11.81 33.72 28.40
CA LEU D 48 11.22 34.78 29.21
C LEU D 48 12.12 35.11 30.39
N ASP D 49 12.50 34.08 31.15
CA ASP D 49 13.35 34.27 32.31
C ASP D 49 14.69 34.90 31.97
N ASP D 50 15.03 34.97 30.69
CA ASP D 50 16.29 35.55 30.27
C ASP D 50 16.09 36.83 29.44
N GLY D 51 14.88 37.36 29.48
CA GLY D 51 14.58 38.59 28.74
C GLY D 51 14.51 38.46 27.23
N LYS D 52 14.22 37.26 26.75
CA LYS D 52 14.13 37.03 25.32
C LYS D 52 12.78 36.46 24.89
N LEU D 53 12.40 36.80 23.66
CA LEU D 53 11.18 36.29 23.06
C LEU D 53 11.66 35.22 22.10
N VAL D 54 11.37 33.96 22.41
CA VAL D 54 11.78 32.85 21.57
C VAL D 54 10.62 32.40 20.67
N LYS D 55 10.88 32.28 19.37
CA LYS D 55 9.85 31.86 18.40
C LYS D 55 9.59 30.36 18.48
N SER D 56 8.33 29.96 18.28
CA SER D 56 8.00 28.54 18.32
C SER D 56 8.77 27.77 17.24
N ALA D 57 8.89 28.37 16.06
CA ALA D 57 9.58 27.72 14.94
C ALA D 57 11.02 27.40 15.29
N ALA D 58 11.69 28.32 15.99
CA ALA D 58 13.07 28.10 16.40
C ALA D 58 13.16 26.94 17.38
N ILE D 59 12.23 26.90 18.33
CA ILE D 59 12.22 25.82 19.31
C ILE D 59 11.99 24.46 18.64
N LEU D 60 11.03 24.38 17.73
CA LEU D 60 10.76 23.12 17.04
C LEU D 60 11.92 22.78 16.11
N GLY D 61 12.55 23.81 15.55
CA GLY D 61 13.69 23.57 14.68
C GLY D 61 14.82 22.96 15.47
N ASP D 62 15.08 23.48 16.67
CA ASP D 62 16.15 22.95 17.52
C ASP D 62 15.84 21.52 17.93
N TYR D 63 14.56 21.24 18.14
CA TYR D 63 14.11 19.90 18.52
C TYR D 63 14.43 18.89 17.42
N LEU D 64 14.08 19.22 16.18
CA LEU D 64 14.35 18.31 15.07
C LEU D 64 15.85 18.15 14.84
N ALA D 65 16.61 19.19 15.15
CA ALA D 65 18.05 19.15 14.98
C ALA D 65 18.71 18.20 15.99
N LYS D 66 18.00 17.91 17.08
CA LYS D 66 18.53 17.00 18.11
C LYS D 66 18.56 15.56 17.61
N HIS D 67 17.77 15.26 16.59
CA HIS D 67 17.72 13.92 16.02
C HIS D 67 17.46 12.83 17.06
N GLU D 68 16.48 13.03 17.92
CA GLU D 68 16.14 12.05 18.94
C GLU D 68 15.55 10.82 18.25
N GLU D 69 15.67 9.66 18.89
CA GLU D 69 15.14 8.44 18.32
C GLU D 69 13.64 8.51 18.10
N PRO D 70 13.18 8.27 16.87
CA PRO D 70 11.74 8.31 16.58
C PRO D 70 10.99 7.30 17.45
N GLN D 71 9.89 7.73 18.05
CA GLN D 71 9.10 6.86 18.89
C GLN D 71 7.76 6.50 18.28
N ASN D 72 7.48 7.07 17.12
CA ASN D 72 6.22 6.80 16.43
C ASN D 72 6.36 7.19 14.97
N GLY D 73 5.31 6.93 14.19
CA GLY D 73 5.34 7.26 12.78
C GLY D 73 5.47 8.75 12.49
N GLU D 74 4.88 9.58 13.34
CA GLU D 74 4.95 11.03 13.15
C GLU D 74 6.39 11.52 13.26
N GLU D 75 7.09 11.08 14.31
CA GLU D 75 8.48 11.48 14.51
C GLU D 75 9.38 10.90 13.43
N MSE D 76 9.07 9.68 12.98
CA MSE D 76 9.85 9.04 11.94
C MSE D 76 9.72 9.87 10.66
O MSE D 76 10.72 10.18 10.00
CB MSE D 76 9.34 7.62 11.68
CG MSE D 76 10.18 6.81 10.68
SE MSE D 76 12.04 6.65 11.23
CE MSE D 76 12.89 6.88 9.52
N LEU D 77 8.48 10.23 10.33
CA LEU D 77 8.25 11.03 9.14
C LEU D 77 9.00 12.36 9.25
N LEU D 78 8.84 13.06 10.36
CA LEU D 78 9.53 14.35 10.54
C LEU D 78 11.04 14.24 10.38
N GLN D 79 11.63 13.23 11.01
CA GLN D 79 13.09 13.06 10.91
C GLN D 79 13.50 12.80 9.48
N GLU D 80 12.71 12.03 8.74
CA GLU D 80 13.04 11.73 7.35
C GLU D 80 12.88 12.96 6.44
N LEU D 81 11.85 13.76 6.69
CA LEU D 81 11.64 14.97 5.91
C LEU D 81 12.79 15.94 6.18
N TRP D 82 13.18 16.02 7.45
CA TRP D 82 14.25 16.92 7.88
C TRP D 82 15.55 16.54 7.18
N SER D 83 15.79 15.24 7.08
CA SER D 83 17.01 14.70 6.47
C SER D 83 17.19 14.99 4.97
N VAL D 84 16.12 15.36 4.28
CA VAL D 84 16.24 15.66 2.86
C VAL D 84 15.90 17.11 2.54
N ALA D 85 15.74 17.90 3.60
CA ALA D 85 15.39 19.32 3.46
C ALA D 85 16.61 20.24 3.44
N ASP D 86 16.55 21.26 2.59
CA ASP D 86 17.62 22.25 2.54
C ASP D 86 17.27 23.29 3.60
N GLU D 87 18.18 24.23 3.85
CA GLU D 87 17.96 25.25 4.87
C GLU D 87 16.59 25.92 4.80
N ASP D 88 16.20 26.39 3.62
CA ASP D 88 14.90 27.06 3.47
C ASP D 88 13.70 26.13 3.76
N GLU D 89 13.79 24.88 3.34
CA GLU D 89 12.70 23.95 3.58
C GLU D 89 12.61 23.60 5.06
N LYS D 90 13.75 23.63 5.76
CA LYS D 90 13.76 23.33 7.18
C LYS D 90 13.01 24.40 7.97
N GLU D 91 13.19 25.65 7.57
CA GLU D 91 12.52 26.77 8.22
C GLU D 91 11.01 26.71 7.98
N HIS D 92 10.63 26.39 6.74
CA HIS D 92 9.21 26.30 6.40
C HIS D 92 8.54 25.12 7.06
N LEU D 93 9.24 23.99 7.12
CA LEU D 93 8.66 22.81 7.77
C LEU D 93 8.44 23.11 9.24
N ALA D 94 9.41 23.76 9.88
CA ALA D 94 9.29 24.12 11.30
C ALA D 94 8.09 25.04 11.51
N GLN D 95 7.88 25.97 10.58
CA GLN D 95 6.78 26.93 10.66
C GLN D 95 5.44 26.24 10.46
N LEU D 96 5.39 25.32 9.52
CA LEU D 96 4.15 24.58 9.26
C LEU D 96 3.81 23.73 10.49
N LEU D 97 4.84 23.15 11.11
CA LEU D 97 4.64 22.33 12.30
C LEU D 97 4.12 23.15 13.47
N VAL D 98 4.46 24.43 13.52
CA VAL D 98 3.98 25.30 14.59
C VAL D 98 2.46 25.44 14.44
N LYS D 99 1.99 25.58 13.21
CA LYS D 99 0.56 25.71 12.95
C LYS D 99 -0.16 24.42 13.29
N LEU D 100 0.49 23.28 13.05
CA LEU D 100 -0.12 22.01 13.38
C LEU D 100 -0.29 21.89 14.89
N VAL D 101 0.76 22.21 15.63
CA VAL D 101 0.72 22.12 17.09
C VAL D 101 -0.28 23.11 17.69
N ASP D 102 -0.48 24.23 17.01
CA ASP D 102 -1.41 25.24 17.50
C ASP D 102 -2.84 25.05 17.04
N LYS D 103 -3.03 24.17 16.06
CA LYS D 103 -4.38 23.91 15.55
C LYS D 103 -5.30 23.58 16.72
N GLN D 104 -6.38 24.34 16.85
CA GLN D 104 -7.34 24.13 17.92
C GLN D 104 -8.64 23.58 17.35
#